data_9HSW
#
_entry.id   9HSW
#
_cell.length_a   50.178
_cell.length_b   70.708
_cell.length_c   118.435
_cell.angle_alpha   90.000
_cell.angle_beta   90.000
_cell.angle_gamma   90.000
#
_symmetry.space_group_name_H-M   'I 2 2 2'
#
loop_
_entity.id
_entity.type
_entity.pdbx_description
1 polymer 'choline-phosphate cytidylyltransferase'
2 non-polymer BETA-MERCAPTOETHANOL
3 non-polymer 5-azanyl-1,2-dihydropyrazol-3-one
4 water water
#
_entity_poly.entity_id   1
_entity_poly.type   'polypeptide(L)'
_entity_poly.pdbx_seq_one_letter_code
;GHMAVPDDDDDDDNSNDESEYESSQMDSEKNKGSIKNSKNVVIYADGVYDMLHLGHMKQLEQAKKLFENTTLIVGVTSDN
ETKLFKGQVVQTLEERTETLKHIRWVDEIISPCPWVVTPEFLEKYKIDYVAHDDIPYANNQKEDIYAWLKRAGKFKATQR
TEGVSTTDLIVRILKNYED
;
_entity_poly.pdbx_strand_id   A
#
# COMPACT_ATOMS: atom_id res chain seq x y z
N LYS A 39 -20.93 -4.42 -10.06
CA LYS A 39 -20.55 -3.02 -9.95
C LYS A 39 -19.37 -2.85 -9.00
N ASN A 40 -19.08 -3.86 -8.17
CA ASN A 40 -18.00 -3.74 -7.21
C ASN A 40 -16.65 -3.97 -7.89
N VAL A 41 -15.69 -3.11 -7.58
CA VAL A 41 -14.38 -3.12 -8.21
C VAL A 41 -13.34 -3.45 -7.14
N VAL A 42 -12.50 -4.45 -7.41
CA VAL A 42 -11.49 -4.88 -6.45
C VAL A 42 -10.20 -4.13 -6.72
N ILE A 43 -9.74 -3.40 -5.71
CA ILE A 43 -8.53 -2.59 -5.77
C ILE A 43 -7.50 -3.23 -4.88
N TYR A 44 -6.25 -3.30 -5.35
CA TYR A 44 -5.14 -3.86 -4.60
C TYR A 44 -4.08 -2.79 -4.41
N ALA A 45 -3.75 -2.50 -3.15
CA ALA A 45 -2.78 -1.49 -2.78
C ALA A 45 -1.71 -2.13 -1.92
N ASP A 46 -0.52 -2.39 -2.47
CA ASP A 46 0.50 -3.04 -1.66
C ASP A 46 1.52 -2.01 -1.19
N GLY A 47 2.20 -2.35 -0.10
CA GLY A 47 3.21 -1.46 0.45
C GLY A 47 3.86 -2.03 1.70
N VAL A 48 4.87 -1.29 2.19
CA VAL A 48 5.52 -1.64 3.45
C VAL A 48 4.65 -1.21 4.61
N TYR A 49 4.06 -0.01 4.52
CA TYR A 49 3.19 0.54 5.55
C TYR A 49 3.88 0.57 6.91
N ASP A 50 5.15 0.96 6.92
CA ASP A 50 5.91 1.10 8.16
C ASP A 50 5.53 2.40 8.87
N MET A 51 5.33 2.32 10.18
CA MET A 51 4.97 3.47 11.01
C MET A 51 3.90 4.32 10.33
N LEU A 52 2.72 3.74 10.15
CA LEU A 52 1.65 4.32 9.35
C LEU A 52 1.30 5.73 9.79
N HIS A 53 1.28 6.66 8.83
CA HIS A 53 0.98 8.06 9.11
C HIS A 53 -0.10 8.58 8.17
N LEU A 54 -0.41 9.87 8.30
CA LEU A 54 -1.51 10.45 7.53
C LEU A 54 -1.28 10.28 6.03
N GLY A 55 -0.02 10.39 5.59
CA GLY A 55 0.27 10.19 4.18
C GLY A 55 -0.19 8.82 3.67
N HIS A 56 0.11 7.76 4.42
CA HIS A 56 -0.38 6.44 4.03
C HIS A 56 -1.91 6.41 4.06
N MET A 57 -2.51 7.03 5.07
CA MET A 57 -3.95 6.91 5.24
C MET A 57 -4.68 7.59 4.10
N LYS A 58 -4.22 8.77 3.69
CA LYS A 58 -4.86 9.45 2.57
C LYS A 58 -4.69 8.71 1.27
N GLN A 59 -3.56 8.00 1.11
CA GLN A 59 -3.35 7.21 -0.08
C GLN A 59 -4.30 6.00 -0.11
N LEU A 60 -4.51 5.37 1.03
CA LEU A 60 -5.50 4.30 1.14
C LEU A 60 -6.91 4.84 0.86
N GLU A 61 -7.24 6.01 1.41
CA GLU A 61 -8.51 6.65 1.08
C GLU A 61 -8.66 6.84 -0.42
N GLN A 62 -7.61 7.35 -1.07
CA GLN A 62 -7.67 7.55 -2.51
C GLN A 62 -7.94 6.24 -3.23
N ALA A 63 -7.25 5.17 -2.82
CA ALA A 63 -7.43 3.89 -3.50
C ALA A 63 -8.84 3.37 -3.28
N LYS A 64 -9.34 3.48 -2.06
CA LYS A 64 -10.71 3.03 -1.76
C LYS A 64 -11.73 3.77 -2.62
N LYS A 65 -11.49 5.06 -2.89
CA LYS A 65 -12.49 5.89 -3.56
C LYS A 65 -12.30 5.99 -5.07
N LEU A 66 -11.49 5.13 -5.68
CA LEU A 66 -11.28 5.19 -7.12
C LEU A 66 -12.57 4.95 -7.91
N PHE A 67 -13.50 4.17 -7.35
CA PHE A 67 -14.79 3.88 -7.96
C PHE A 67 -15.86 3.97 -6.89
N GLU A 68 -17.12 4.05 -7.31
CA GLU A 68 -18.20 4.24 -6.35
C GLU A 68 -18.29 3.06 -5.38
N ASN A 69 -18.13 1.84 -5.89
CA ASN A 69 -18.22 0.63 -5.07
C ASN A 69 -16.95 -0.19 -5.28
N THR A 70 -16.16 -0.31 -4.21
CA THR A 70 -14.89 -1.03 -4.26
C THR A 70 -14.76 -1.99 -3.08
N THR A 71 -13.86 -2.95 -3.26
CA THR A 71 -13.22 -3.65 -2.15
C THR A 71 -11.74 -3.31 -2.23
N LEU A 72 -11.20 -2.71 -1.16
CA LEU A 72 -9.79 -2.37 -1.11
C LEU A 72 -9.05 -3.48 -0.36
N ILE A 73 -8.19 -4.19 -1.08
CA ILE A 73 -7.32 -5.21 -0.48
C ILE A 73 -5.96 -4.55 -0.31
N VAL A 74 -5.38 -4.63 0.88
CA VAL A 74 -4.06 -4.07 1.12
C VAL A 74 -3.08 -5.22 1.27
N GLY A 75 -1.97 -5.15 0.55
CA GLY A 75 -0.89 -6.12 0.70
C GLY A 75 0.22 -5.50 1.54
N VAL A 76 0.72 -6.28 2.51
CA VAL A 76 1.75 -5.86 3.44
C VAL A 76 3.01 -6.67 3.16
N THR A 77 4.11 -5.99 2.83
CA THR A 77 5.32 -6.69 2.41
C THR A 77 6.01 -7.35 3.60
N SER A 78 6.65 -8.48 3.31
CA SER A 78 7.39 -9.22 4.33
C SER A 78 8.60 -8.44 4.84
N ASP A 79 9.03 -8.76 6.06
CA ASP A 79 10.23 -8.13 6.61
C ASP A 79 11.45 -8.44 5.74
N ASN A 80 11.69 -9.72 5.48
CA ASN A 80 12.88 -10.13 4.73
C ASN A 80 12.98 -9.39 3.40
N GLU A 81 11.93 -9.44 2.59
CA GLU A 81 11.99 -8.85 1.27
C GLU A 81 12.09 -7.33 1.34
N THR A 82 11.40 -6.71 2.29
CA THR A 82 11.54 -5.27 2.47
C THR A 82 12.99 -4.89 2.76
N LYS A 83 13.62 -5.57 3.73
CA LYS A 83 15.01 -5.28 4.03
C LYS A 83 15.91 -5.59 2.84
N LEU A 84 15.61 -6.67 2.11
CA LEU A 84 16.48 -7.11 1.02
C LEU A 84 16.42 -6.14 -0.16
N PHE A 85 15.23 -5.61 -0.45
CA PHE A 85 15.03 -4.85 -1.68
C PHE A 85 14.85 -3.35 -1.47
N LYS A 86 14.45 -2.92 -0.26
CA LYS A 86 14.18 -1.51 -0.01
C LYS A 86 15.08 -0.96 1.08
N GLY A 87 14.90 -1.38 2.31
CA GLY A 87 15.70 -0.85 3.40
C GLY A 87 15.13 -1.28 4.73
N GLN A 88 15.73 -0.72 5.79
CA GLN A 88 15.36 -1.12 7.13
C GLN A 88 13.90 -0.81 7.41
N VAL A 89 13.25 -1.68 8.16
CA VAL A 89 11.88 -1.50 8.59
C VAL A 89 11.87 -1.36 10.10
N VAL A 90 11.05 -0.46 10.61
CA VAL A 90 10.99 -0.23 12.05
C VAL A 90 10.11 -1.28 12.70
N GLN A 91 8.92 -1.47 12.16
CA GLN A 91 7.90 -2.35 12.72
C GLN A 91 7.94 -3.70 12.04
N THR A 92 7.59 -4.74 12.79
CA THR A 92 7.52 -6.07 12.22
C THR A 92 6.30 -6.19 11.30
N LEU A 93 6.30 -7.26 10.51
CA LEU A 93 5.13 -7.54 9.67
C LEU A 93 3.86 -7.55 10.50
N GLU A 94 3.88 -8.25 11.63
CA GLU A 94 2.72 -8.31 12.51
C GLU A 94 2.29 -6.93 12.98
N GLU A 95 3.24 -6.08 13.36
CA GLU A 95 2.90 -4.73 13.82
C GLU A 95 2.37 -3.86 12.69
N ARG A 96 2.97 -3.93 11.50
CA ARG A 96 2.48 -3.13 10.39
C ARG A 96 1.10 -3.60 9.96
N THR A 97 0.87 -4.91 9.97
CA THR A 97 -0.42 -5.47 9.57
C THR A 97 -1.51 -5.12 10.59
N GLU A 98 -1.19 -5.14 11.88
CA GLU A 98 -2.24 -4.93 12.87
C GLU A 98 -2.76 -3.49 12.84
N THR A 99 -1.87 -2.51 12.59
CA THR A 99 -2.36 -1.14 12.52
C THR A 99 -3.36 -0.98 11.38
N LEU A 100 -3.10 -1.64 10.25
CA LEU A 100 -3.96 -1.50 9.08
C LEU A 100 -5.39 -1.97 9.34
N LYS A 101 -5.59 -2.95 10.21
CA LYS A 101 -6.97 -3.38 10.40
C LYS A 101 -7.82 -2.31 11.08
N HIS A 102 -7.20 -1.25 11.62
CA HIS A 102 -7.92 -0.16 12.26
C HIS A 102 -8.24 0.99 11.30
N ILE A 103 -7.88 0.87 10.02
CA ILE A 103 -8.02 1.97 9.07
C ILE A 103 -9.36 1.81 8.34
N ARG A 104 -10.12 2.90 8.29
CA ARG A 104 -11.49 2.87 7.78
C ARG A 104 -11.55 2.31 6.36
N TRP A 105 -10.56 2.65 5.54
CA TRP A 105 -10.63 2.36 4.11
C TRP A 105 -10.29 0.91 3.78
N VAL A 106 -9.66 0.20 4.70
CA VAL A 106 -9.13 -1.13 4.43
C VAL A 106 -10.24 -2.18 4.57
N ASP A 107 -10.49 -2.92 3.50
CA ASP A 107 -11.52 -3.95 3.54
C ASP A 107 -10.94 -5.35 3.78
N GLU A 108 -9.78 -5.63 3.21
CA GLU A 108 -9.16 -6.94 3.29
C GLU A 108 -7.66 -6.73 3.30
N ILE A 109 -6.95 -7.68 3.89
CA ILE A 109 -5.50 -7.59 3.99
C ILE A 109 -4.87 -8.90 3.53
N ILE A 110 -3.86 -8.81 2.68
CA ILE A 110 -3.00 -9.93 2.33
C ILE A 110 -1.65 -9.65 2.97
N SER A 111 -1.31 -10.44 4.01
CA SER A 111 -0.10 -10.23 4.80
C SER A 111 0.49 -11.57 5.20
N PRO A 112 1.73 -11.88 4.76
CA PRO A 112 2.53 -11.04 3.88
C PRO A 112 2.02 -11.11 2.45
N CYS A 113 2.38 -10.12 1.63
CA CYS A 113 2.06 -10.10 0.22
C CYS A 113 3.31 -10.35 -0.60
N PRO A 114 3.15 -10.75 -1.86
CA PRO A 114 4.32 -10.92 -2.72
C PRO A 114 5.00 -9.58 -2.97
N TRP A 115 6.32 -9.63 -3.10
CA TRP A 115 7.07 -8.40 -3.34
C TRP A 115 6.74 -7.83 -4.71
N VAL A 116 6.60 -8.69 -5.72
CA VAL A 116 6.32 -8.28 -7.10
C VAL A 116 4.94 -8.78 -7.48
N VAL A 117 4.06 -7.86 -7.90
CA VAL A 117 2.76 -8.22 -8.44
C VAL A 117 2.95 -8.97 -9.75
N THR A 118 2.24 -10.09 -9.90
CA THR A 118 2.30 -10.85 -11.14
C THR A 118 0.92 -10.87 -11.78
N PRO A 119 0.86 -11.14 -13.09
CA PRO A 119 -0.45 -11.36 -13.71
C PRO A 119 -1.22 -12.48 -13.05
N GLU A 120 -0.54 -13.53 -12.58
CA GLU A 120 -1.24 -14.63 -11.91
C GLU A 120 -1.85 -14.18 -10.59
N PHE A 121 -1.17 -13.30 -9.86
CA PHE A 121 -1.70 -12.82 -8.60
C PHE A 121 -3.04 -12.10 -8.81
N LEU A 122 -3.12 -11.29 -9.87
CA LEU A 122 -4.36 -10.57 -10.16
C LEU A 122 -5.52 -11.53 -10.39
N GLU A 123 -5.29 -12.59 -11.16
CA GLU A 123 -6.37 -13.55 -11.38
C GLU A 123 -6.72 -14.27 -10.09
N LYS A 124 -5.72 -14.64 -9.29
CA LYS A 124 -5.98 -15.42 -8.08
C LYS A 124 -6.94 -14.70 -7.16
N TYR A 125 -6.75 -13.39 -6.98
CA TYR A 125 -7.55 -12.58 -6.07
C TYR A 125 -8.58 -11.72 -6.77
N LYS A 126 -8.79 -11.92 -8.08
CA LYS A 126 -9.85 -11.23 -8.80
C LYS A 126 -9.67 -9.72 -8.71
N ILE A 127 -8.42 -9.27 -8.81
CA ILE A 127 -8.09 -7.86 -8.66
C ILE A 127 -8.33 -7.15 -9.99
N ASP A 128 -9.04 -6.03 -9.93
CA ASP A 128 -9.32 -5.27 -11.14
C ASP A 128 -8.26 -4.19 -11.40
N TYR A 129 -7.77 -3.55 -10.33
CA TYR A 129 -6.77 -2.49 -10.47
C TYR A 129 -5.76 -2.57 -9.34
N VAL A 130 -4.52 -2.25 -9.66
CA VAL A 130 -3.46 -2.06 -8.66
C VAL A 130 -3.29 -0.57 -8.45
N ALA A 131 -3.40 -0.14 -7.19
CA ALA A 131 -3.29 1.27 -6.82
C ALA A 131 -1.99 1.46 -6.04
N HIS A 132 -1.09 2.29 -6.57
CA HIS A 132 0.23 2.46 -6.00
C HIS A 132 0.78 3.78 -6.51
N ASP A 133 1.72 4.35 -5.77
CA ASP A 133 2.35 5.56 -6.27
C ASP A 133 3.20 5.21 -7.50
N ASP A 134 3.39 6.21 -8.36
CA ASP A 134 4.08 5.97 -9.62
C ASP A 134 5.54 6.38 -9.54
N GLU A 143 13.21 -1.18 -15.99
CA GLU A 143 12.70 0.18 -15.86
C GLU A 143 11.39 0.23 -15.07
N ASP A 144 10.30 0.61 -15.75
CA ASP A 144 9.01 0.86 -15.10
C ASP A 144 8.36 -0.48 -14.77
N ILE A 145 8.39 -0.86 -13.49
CA ILE A 145 7.78 -2.11 -13.06
C ILE A 145 6.27 -2.08 -13.17
N TYR A 146 5.67 -0.90 -13.34
CA TYR A 146 4.24 -0.77 -13.52
C TYR A 146 3.83 -0.64 -14.99
N ALA A 147 4.79 -0.59 -15.91
CA ALA A 147 4.43 -0.48 -17.33
C ALA A 147 3.43 -1.57 -17.73
N TRP A 148 3.66 -2.80 -17.30
CA TRP A 148 2.76 -3.87 -17.73
C TRP A 148 1.36 -3.69 -17.14
N LEU A 149 1.25 -3.13 -15.93
CA LEU A 149 -0.08 -2.86 -15.40
C LEU A 149 -0.77 -1.76 -16.19
N LYS A 150 -0.05 -0.69 -16.54
CA LYS A 150 -0.64 0.37 -17.33
C LYS A 150 -1.02 -0.12 -18.72
N ARG A 151 -0.17 -0.94 -19.32
CA ARG A 151 -0.51 -1.51 -20.63
C ARG A 151 -1.82 -2.27 -20.58
N ALA A 152 -2.13 -2.91 -19.46
CA ALA A 152 -3.32 -3.73 -19.33
C ALA A 152 -4.55 -2.92 -18.89
N GLY A 153 -4.38 -1.63 -18.60
CA GLY A 153 -5.48 -0.83 -18.09
C GLY A 153 -5.78 -1.06 -16.62
N LYS A 154 -4.84 -1.64 -15.89
CA LYS A 154 -5.09 -2.08 -14.53
C LYS A 154 -4.33 -1.27 -13.50
N PHE A 155 -3.71 -0.16 -13.90
CA PHE A 155 -2.93 0.64 -12.97
C PHE A 155 -3.68 1.92 -12.59
N LYS A 156 -3.75 2.21 -11.30
CA LYS A 156 -4.36 3.43 -10.79
C LYS A 156 -3.35 4.13 -9.90
N ALA A 157 -2.82 5.26 -10.38
CA ALA A 157 -1.82 5.98 -9.61
C ALA A 157 -2.45 6.59 -8.36
N THR A 158 -1.75 6.51 -7.23
CA THR A 158 -2.12 7.24 -6.03
C THR A 158 -0.90 8.03 -5.53
N GLN A 159 -1.18 9.07 -4.75
CA GLN A 159 -0.18 10.06 -4.37
C GLN A 159 0.14 9.98 -2.89
N ARG A 160 1.41 10.16 -2.56
CA ARG A 160 1.85 10.28 -1.19
C ARG A 160 1.81 11.75 -0.77
N THR A 161 1.85 11.96 0.54
CA THR A 161 1.95 13.29 1.14
C THR A 161 3.28 13.40 1.86
N GLU A 162 4.00 14.48 1.62
CA GLU A 162 5.30 14.70 2.24
C GLU A 162 5.15 15.49 3.55
N GLY A 163 6.15 15.33 4.42
CA GLY A 163 6.21 16.08 5.66
C GLY A 163 5.30 15.59 6.77
N VAL A 164 4.37 14.67 6.49
CA VAL A 164 3.43 14.16 7.48
C VAL A 164 4.01 12.93 8.16
N SER A 165 5.25 12.57 7.83
CA SER A 165 5.79 11.29 8.23
C SER A 165 6.22 11.28 9.68
N THR A 166 6.04 10.13 10.34
CA THR A 166 6.49 9.96 11.71
C THR A 166 7.96 10.36 11.87
N THR A 167 8.77 10.09 10.84
CA THR A 167 10.15 10.57 10.84
C THR A 167 10.21 12.08 11.06
N ASP A 168 9.43 12.82 10.27
CA ASP A 168 9.48 14.28 10.32
C ASP A 168 8.95 14.82 11.64
N LEU A 169 8.03 14.09 12.28
CA LEU A 169 7.46 14.55 13.54
C LEU A 169 8.48 14.54 14.67
N ILE A 170 9.41 13.58 14.65
CA ILE A 170 10.49 13.62 15.64
C ILE A 170 11.51 14.69 15.25
N VAL A 171 11.68 14.93 13.96
CA VAL A 171 12.53 16.04 13.52
C VAL A 171 11.95 17.36 14.01
N ARG A 172 10.62 17.49 13.97
CA ARG A 172 9.99 18.71 14.46
C ARG A 172 10.22 18.89 15.95
N ILE A 173 10.16 17.80 16.72
CA ILE A 173 10.46 17.87 18.15
C ILE A 173 11.97 17.99 18.31
N LEU A 174 12.46 17.85 19.54
CA LEU A 174 13.86 18.04 19.87
C LEU A 174 14.20 19.53 19.88
N LYS A 175 13.43 20.33 19.12
CA LYS A 175 13.67 21.76 19.06
C LYS A 175 13.59 22.41 20.43
N ASN A 176 12.75 21.89 21.31
CA ASN A 176 12.63 22.42 22.67
C ASN A 176 13.98 22.46 23.38
#